data_8YU0
#
_entry.id   8YU0
#
_cell.length_a   52.950
_cell.length_b   53.220
_cell.length_c   101.600
_cell.angle_alpha   90.000
_cell.angle_beta   97.133
_cell.angle_gamma   90.000
#
_symmetry.space_group_name_H-M   'P 1 21 1'
#
loop_
_entity.id
_entity.type
_entity.pdbx_description
1 polymer 'Putative flavin-binding monooxygenase'
2 non-polymer 'NADPH DIHYDRO-NICOTINAMIDE-ADENINE-DINUCLEOTIDE PHOSPHATE'
3 non-polymer 'FLAVIN-ADENINE DINUCLEOTIDE'
4 water water
#
_entity_poly.entity_id   1
_entity_poly.type   'polypeptide(L)'
_entity_poly.pdbx_seq_one_letter_code
;MHHHHHHTQKMDFDAIIIGAGFGGLYSLKKLRDDFNLKVRAFDRATEVGGTWFWNQYPGALSDSETHLYCYSWDKELLQE
MEIKRKYISQPDVLAYLKRVADKHDLRKDIQFETGIRSAYFDEENSFWNVTTENDEKFTARFLITALGPLAAPNLPKIKG
IETFKGELHHTSRWPKDVTFSGKRVGVIGTGSTGVQVITAIASQVKHLTVFQRSAQYSVPIGNVVMSETDVAKIKENYDQ
IWENVWNSALGYGLNESTLPTMSVSAEERDKIFEKAWQEGGGFRFMFETFGDIAVDETANIEAQNFIKKKISEIVKDPFV
AKKLTPTDLYACRPLCDSGYYEIFNRDNVSLEDVKANPIVEIKEDCVVTADGVEHKLDMLICATGFDAVDGSYKRIDIRG
KDGISIKDHWKDGPNSYLGMMVSNFPNMFMVFGPNGPLANSPPIIETQVRWIADLIGYAEDHQINQIEATKDAVDNWTNT
CSDIANKTLFAKAKCRIFGANVPGKKNTVYLYMGGLKEYRNQISEVSNNNYKGCLLKQSVKKTNLIES
;
_entity_poly.pdbx_strand_id   A
#
loop_
_chem_comp.id
_chem_comp.type
_chem_comp.name
_chem_comp.formula
FAD non-polymer 'FLAVIN-ADENINE DINUCLEOTIDE' 'C27 H33 N9 O15 P2'
NDP non-polymer 'NADPH DIHYDRO-NICOTINAMIDE-ADENINE-DINUCLEOTIDE PHOSPHATE' 'C21 H30 N7 O17 P3'
#
# COMPACT_ATOMS: atom_id res chain seq x y z
N ASP A 12 -3.51 7.01 31.92
CA ASP A 12 -2.77 5.76 31.80
C ASP A 12 -3.50 4.74 30.93
N PHE A 13 -2.80 4.21 29.94
CA PHE A 13 -3.22 3.03 29.21
C PHE A 13 -2.08 2.04 29.19
N ASP A 14 -2.41 0.77 28.94
CA ASP A 14 -1.38 -0.21 28.65
C ASP A 14 -0.75 0.08 27.29
N ALA A 15 -1.55 0.49 26.32
CA ALA A 15 -1.05 0.76 24.98
C ALA A 15 -1.88 1.85 24.32
N ILE A 16 -1.20 2.67 23.52
CA ILE A 16 -1.84 3.66 22.67
C ILE A 16 -1.58 3.27 21.23
N ILE A 17 -2.61 3.33 20.40
CA ILE A 17 -2.53 2.99 18.98
C ILE A 17 -2.77 4.25 18.19
N ILE A 18 -1.94 4.48 17.18
CA ILE A 18 -2.13 5.59 16.24
C ILE A 18 -2.59 4.98 14.93
N GLY A 19 -3.83 5.27 14.53
CA GLY A 19 -4.38 4.75 13.30
C GLY A 19 -5.59 3.87 13.51
N ALA A 20 -6.61 4.04 12.66
CA ALA A 20 -7.84 3.26 12.73
C ALA A 20 -8.16 2.60 11.39
N GLY A 21 -7.14 2.29 10.61
CA GLY A 21 -7.28 1.50 9.41
C GLY A 21 -7.17 0.02 9.72
N PHE A 22 -6.92 -0.77 8.68
CA PHE A 22 -6.71 -2.20 8.83
C PHE A 22 -5.79 -2.51 10.00
N GLY A 23 -4.65 -1.84 10.08
CA GLY A 23 -3.66 -2.17 11.09
C GLY A 23 -4.09 -1.76 12.49
N GLY A 24 -4.61 -0.53 12.62
CA GLY A 24 -5.01 -0.06 13.94
C GLY A 24 -6.20 -0.81 14.52
N LEU A 25 -7.16 -1.18 13.66
CA LEU A 25 -8.36 -1.85 14.17
C LEU A 25 -8.03 -3.22 14.74
N TYR A 26 -7.18 -3.99 14.05
CA TYR A 26 -6.83 -5.30 14.58
C TYR A 26 -5.89 -5.19 15.77
N SER A 27 -5.03 -4.17 15.78
CA SER A 27 -4.21 -3.92 16.97
C SER A 27 -5.08 -3.73 18.20
N LEU A 28 -6.16 -2.95 18.05
CA LEU A 28 -7.05 -2.68 19.19
C LEU A 28 -7.84 -3.92 19.58
N LYS A 29 -8.31 -4.68 18.60
CA LYS A 29 -9.06 -5.90 18.90
C LYS A 29 -8.19 -6.90 19.66
N LYS A 30 -6.98 -7.15 19.15
CA LYS A 30 -6.10 -8.14 19.76
C LYS A 30 -5.68 -7.73 21.17
N LEU A 31 -5.23 -6.49 21.34
CA LEU A 31 -4.67 -6.07 22.62
C LEU A 31 -5.74 -5.91 23.68
N ARG A 32 -6.93 -5.42 23.29
CA ARG A 32 -7.99 -5.19 24.27
C ARG A 32 -8.74 -6.47 24.60
N ASP A 33 -9.14 -7.24 23.59
CA ASP A 33 -10.07 -8.34 23.81
C ASP A 33 -9.39 -9.68 24.02
N ASP A 34 -8.20 -9.88 23.44
CA ASP A 34 -7.50 -11.15 23.61
C ASP A 34 -6.40 -11.08 24.67
N PHE A 35 -5.90 -9.90 24.99
CA PHE A 35 -4.90 -9.76 26.03
C PHE A 35 -5.37 -8.89 27.19
N ASN A 36 -6.63 -8.45 27.18
CA ASN A 36 -7.27 -7.80 28.33
C ASN A 36 -6.49 -6.57 28.79
N LEU A 37 -5.95 -5.81 27.83
CA LEU A 37 -5.23 -4.58 28.13
C LEU A 37 -6.16 -3.37 27.96
N LYS A 38 -5.82 -2.30 28.67
CA LYS A 38 -6.50 -1.01 28.51
C LYS A 38 -5.83 -0.26 27.37
N VAL A 39 -6.55 -0.07 26.27
CA VAL A 39 -6.00 0.48 25.05
C VAL A 39 -6.85 1.67 24.60
N ARG A 40 -6.19 2.64 23.98
CA ARG A 40 -6.87 3.74 23.30
C ARG A 40 -6.22 3.94 21.93
N ALA A 41 -7.05 4.08 20.91
CA ALA A 41 -6.58 4.35 19.55
C ALA A 41 -6.97 5.77 19.16
N PHE A 42 -6.15 6.37 18.29
CA PHE A 42 -6.36 7.73 17.81
C PHE A 42 -6.28 7.77 16.29
N ASP A 43 -7.12 8.61 15.69
CA ASP A 43 -7.08 8.84 14.25
C ASP A 43 -7.65 10.22 13.95
N ARG A 44 -7.01 10.91 13.01
CA ARG A 44 -7.51 12.20 12.55
C ARG A 44 -8.87 12.08 11.89
N ALA A 45 -9.17 10.93 11.30
CA ALA A 45 -10.42 10.74 10.57
C ALA A 45 -11.62 10.77 11.50
N THR A 46 -12.80 10.98 10.93
CA THR A 46 -14.06 10.93 11.66
C THR A 46 -14.61 9.51 11.75
N GLU A 47 -14.01 8.55 11.06
CA GLU A 47 -14.51 7.19 11.00
C GLU A 47 -13.34 6.26 10.75
N VAL A 48 -13.54 4.98 11.06
CA VAL A 48 -12.51 3.96 10.81
C VAL A 48 -12.28 3.80 9.32
N GLY A 49 -11.18 3.17 8.95
CA GLY A 49 -10.95 2.82 7.56
C GLY A 49 -9.58 3.18 7.02
N GLY A 50 -8.93 4.14 7.66
CA GLY A 50 -7.61 4.57 7.20
C GLY A 50 -7.68 5.06 5.76
N THR A 51 -6.76 4.54 4.94
CA THR A 51 -6.68 4.98 3.54
C THR A 51 -7.99 4.75 2.81
N TRP A 52 -8.78 3.75 3.22
CA TRP A 52 -10.05 3.47 2.58
C TRP A 52 -11.15 4.44 3.01
N PHE A 53 -10.89 5.25 4.03
CA PHE A 53 -11.74 6.39 4.34
C PHE A 53 -11.27 7.64 3.60
N TRP A 54 -9.96 7.86 3.53
CA TRP A 54 -9.43 9.09 2.93
C TRP A 54 -9.51 9.06 1.41
N ASN A 55 -9.15 7.94 0.80
CA ASN A 55 -8.92 7.86 -0.64
C ASN A 55 -10.21 7.46 -1.32
N GLN A 56 -10.94 8.43 -1.86
CA GLN A 56 -12.27 8.23 -2.43
C GLN A 56 -12.33 8.62 -3.91
N TYR A 57 -11.20 8.51 -4.61
CA TYR A 57 -11.12 8.98 -5.97
C TYR A 57 -11.86 8.03 -6.93
N PRO A 58 -12.19 8.50 -8.14
CA PRO A 58 -12.91 7.64 -9.08
C PRO A 58 -12.08 6.42 -9.48
N GLY A 59 -12.69 5.25 -9.37
CA GLY A 59 -12.05 4.02 -9.77
C GLY A 59 -11.21 3.34 -8.71
N ALA A 60 -11.18 3.87 -7.49
CA ALA A 60 -10.41 3.26 -6.40
C ALA A 60 -10.80 1.80 -6.23
N LEU A 61 -9.81 0.92 -6.28
CA LEU A 61 -10.07 -0.51 -6.33
C LEU A 61 -8.87 -1.25 -5.75
N SER A 62 -9.14 -2.34 -5.03
CA SER A 62 -8.07 -3.15 -4.48
C SER A 62 -7.28 -3.87 -5.58
N ASP A 63 -6.00 -4.12 -5.33
CA ASP A 63 -5.25 -5.04 -6.18
C ASP A 63 -5.47 -6.49 -5.78
N SER A 64 -5.80 -6.74 -4.52
CA SER A 64 -6.10 -8.07 -4.04
C SER A 64 -7.54 -8.45 -4.35
N GLU A 65 -7.75 -9.71 -4.68
CA GLU A 65 -9.11 -10.21 -4.86
C GLU A 65 -9.89 -10.05 -3.55
N THR A 66 -11.20 -9.88 -3.70
CA THR A 66 -12.05 -9.50 -2.56
C THR A 66 -11.95 -10.50 -1.41
N HIS A 67 -11.89 -11.80 -1.72
CA HIS A 67 -11.92 -12.81 -0.67
C HIS A 67 -10.64 -12.87 0.14
N LEU A 68 -9.57 -12.22 -0.31
CA LEU A 68 -8.32 -12.16 0.45
C LEU A 68 -8.01 -10.77 0.98
N TYR A 69 -8.72 -9.73 0.54
CA TYR A 69 -8.45 -8.38 1.02
C TYR A 69 -9.36 -8.08 2.21
N CYS A 70 -9.08 -8.79 3.30
CA CYS A 70 -9.96 -8.79 4.46
C CYS A 70 -9.24 -9.52 5.59
N TYR A 71 -9.86 -9.54 6.76
CA TYR A 71 -9.30 -10.27 7.89
C TYR A 71 -9.55 -11.76 7.75
N SER A 72 -8.67 -12.56 8.34
CA SER A 72 -8.81 -14.01 8.39
C SER A 72 -9.16 -14.54 9.76
N TRP A 73 -9.05 -13.70 10.80
CA TRP A 73 -9.11 -14.17 12.17
C TRP A 73 -10.53 -14.34 12.70
N ASP A 74 -11.51 -13.71 12.06
CA ASP A 74 -12.91 -13.85 12.44
C ASP A 74 -13.58 -14.79 11.45
N LYS A 75 -13.70 -16.07 11.83
CA LYS A 75 -14.24 -17.06 10.91
C LYS A 75 -15.71 -16.83 10.63
N GLU A 76 -16.45 -16.25 11.57
CA GLU A 76 -17.85 -15.94 11.33
C GLU A 76 -17.99 -14.80 10.32
N LEU A 77 -17.10 -13.81 10.40
CA LEU A 77 -17.12 -12.70 9.46
C LEU A 77 -16.82 -13.18 8.05
N LEU A 78 -15.93 -14.16 7.91
CA LEU A 78 -15.61 -14.70 6.59
C LEU A 78 -16.84 -15.30 5.93
N GLN A 79 -17.65 -16.05 6.69
CA GLN A 79 -18.86 -16.63 6.12
C GLN A 79 -19.93 -15.58 5.88
N GLU A 80 -19.93 -14.51 6.68
CA GLU A 80 -20.90 -13.42 6.54
C GLU A 80 -20.52 -12.45 5.42
N MET A 81 -19.25 -12.44 5.02
CA MET A 81 -18.73 -11.37 4.15
C MET A 81 -19.45 -11.31 2.81
N GLU A 82 -19.70 -10.08 2.36
CA GLU A 82 -20.20 -9.84 1.02
C GLU A 82 -19.05 -9.99 0.02
N ILE A 83 -19.25 -10.85 -0.98
CA ILE A 83 -18.31 -11.01 -2.08
C ILE A 83 -19.05 -10.65 -3.36
N LYS A 84 -19.07 -9.35 -3.68
CA LYS A 84 -19.90 -8.85 -4.76
C LYS A 84 -19.20 -8.97 -6.11
N ARG A 85 -17.97 -8.48 -6.20
CA ARG A 85 -17.16 -8.59 -7.41
C ARG A 85 -15.82 -9.20 -7.04
N LYS A 86 -15.04 -9.55 -8.06
CA LYS A 86 -13.79 -10.28 -7.84
C LYS A 86 -12.77 -9.44 -7.08
N TYR A 87 -12.81 -8.12 -7.28
CA TYR A 87 -12.03 -7.16 -6.53
C TYR A 87 -13.01 -6.21 -5.86
N ILE A 88 -12.54 -5.45 -4.87
CA ILE A 88 -13.45 -4.72 -3.99
C ILE A 88 -13.17 -3.22 -4.12
N SER A 89 -14.24 -2.45 -4.27
CA SER A 89 -14.17 -1.00 -4.47
C SER A 89 -14.05 -0.30 -3.12
N GLN A 90 -13.62 0.96 -3.17
CA GLN A 90 -13.38 1.72 -1.94
C GLN A 90 -14.59 1.79 -1.04
N PRO A 91 -15.80 2.12 -1.52
CA PRO A 91 -16.95 2.18 -0.59
C PRO A 91 -17.22 0.85 0.07
N ASP A 92 -16.96 -0.27 -0.60
CA ASP A 92 -17.23 -1.57 -0.02
C ASP A 92 -16.16 -2.01 0.98
N VAL A 93 -14.90 -1.61 0.77
CA VAL A 93 -13.89 -1.83 1.80
C VAL A 93 -14.25 -1.02 3.04
N LEU A 94 -14.65 0.25 2.83
CA LEU A 94 -15.03 1.09 3.95
C LEU A 94 -16.19 0.49 4.72
N ALA A 95 -17.19 -0.03 4.00
CA ALA A 95 -18.32 -0.67 4.66
C ALA A 95 -17.88 -1.92 5.42
N TYR A 96 -16.93 -2.68 4.86
CA TYR A 96 -16.42 -3.87 5.54
C TYR A 96 -15.76 -3.50 6.86
N LEU A 97 -14.83 -2.54 6.82
CA LEU A 97 -14.13 -2.16 8.05
C LEU A 97 -15.08 -1.55 9.08
N LYS A 98 -16.10 -0.81 8.61
CA LYS A 98 -17.14 -0.33 9.51
C LYS A 98 -17.88 -1.49 10.17
N ARG A 99 -18.16 -2.54 9.40
CA ARG A 99 -18.81 -3.72 9.97
C ARG A 99 -17.94 -4.40 11.00
N VAL A 100 -16.62 -4.47 10.75
CA VAL A 100 -15.71 -5.05 11.74
C VAL A 100 -15.78 -4.26 13.05
N ALA A 101 -15.77 -2.93 12.95
CA ALA A 101 -15.81 -2.10 14.15
C ALA A 101 -17.15 -2.22 14.86
N ASP A 102 -18.24 -2.36 14.11
CA ASP A 102 -19.56 -2.56 14.70
C ASP A 102 -19.62 -3.85 15.49
N LYS A 103 -19.24 -4.97 14.85
CA LYS A 103 -19.37 -6.28 15.47
C LYS A 103 -18.53 -6.39 16.73
N HIS A 104 -17.31 -5.87 16.70
CA HIS A 104 -16.37 -6.07 17.79
C HIS A 104 -16.28 -4.86 18.72
N ASP A 105 -17.23 -3.92 18.63
CA ASP A 105 -17.40 -2.86 19.62
C ASP A 105 -16.11 -2.05 19.78
N LEU A 106 -15.53 -1.64 18.65
CA LEU A 106 -14.21 -1.02 18.66
C LEU A 106 -14.25 0.48 18.85
N ARG A 107 -15.30 1.16 18.37
CA ARG A 107 -15.29 2.62 18.37
C ARG A 107 -15.29 3.24 19.75
N LYS A 108 -15.77 2.51 20.77
CA LYS A 108 -15.77 3.06 22.12
C LYS A 108 -14.36 3.35 22.62
N ASP A 109 -13.35 2.71 22.04
CA ASP A 109 -11.96 2.92 22.44
C ASP A 109 -11.14 3.59 21.34
N ILE A 110 -11.80 4.22 20.39
CA ILE A 110 -11.15 5.04 19.37
C ILE A 110 -11.56 6.49 19.59
N GLN A 111 -10.58 7.38 19.66
CA GLN A 111 -10.85 8.82 19.74
C GLN A 111 -10.62 9.42 18.36
N PHE A 112 -11.72 9.74 17.68
CA PHE A 112 -11.66 10.24 16.32
C PHE A 112 -11.38 11.74 16.30
N GLU A 113 -11.10 12.26 15.10
CA GLU A 113 -10.83 13.68 14.89
C GLU A 113 -9.68 14.17 15.78
N THR A 114 -8.69 13.30 15.98
CA THR A 114 -7.61 13.59 16.92
C THR A 114 -6.28 13.19 16.30
N GLY A 115 -5.45 14.17 15.97
CA GLY A 115 -4.11 13.92 15.49
C GLY A 115 -3.11 13.87 16.64
N ILE A 116 -2.14 12.98 16.52
CA ILE A 116 -1.06 12.87 17.49
C ILE A 116 0.09 13.75 17.02
N ARG A 117 0.44 14.76 17.82
CA ARG A 117 1.52 15.67 17.49
C ARG A 117 2.89 15.15 17.93
N SER A 118 2.95 14.51 19.09
CA SER A 118 4.24 14.11 19.65
C SER A 118 4.08 12.88 20.50
N ALA A 119 5.15 12.09 20.56
CA ALA A 119 5.25 10.94 21.46
C ALA A 119 6.67 10.90 21.99
N TYR A 120 6.84 11.16 23.28
CA TYR A 120 8.15 11.22 23.92
C TYR A 120 8.29 10.05 24.88
N PHE A 121 9.37 9.29 24.75
CA PHE A 121 9.61 8.19 25.65
C PHE A 121 10.20 8.68 26.96
N ASP A 122 9.65 8.18 28.07
CA ASP A 122 10.10 8.53 29.42
C ASP A 122 10.98 7.39 29.92
N GLU A 123 12.31 7.58 29.84
CA GLU A 123 13.23 6.53 30.29
C GLU A 123 13.17 6.30 31.78
N GLU A 124 12.72 7.29 32.57
CA GLU A 124 12.58 7.09 34.00
C GLU A 124 11.42 6.13 34.31
N ASN A 125 10.24 6.42 33.77
CA ASN A 125 9.05 5.62 34.01
C ASN A 125 8.90 4.45 33.05
N SER A 126 9.67 4.43 31.95
CA SER A 126 9.56 3.40 30.92
C SER A 126 8.16 3.37 30.31
N PHE A 127 7.64 4.54 29.95
CA PHE A 127 6.39 4.61 29.21
C PHE A 127 6.45 5.79 28.24
N TRP A 128 5.39 5.94 27.45
CA TRP A 128 5.32 6.94 26.40
C TRP A 128 4.42 8.09 26.82
N ASN A 129 4.88 9.32 26.55
CA ASN A 129 4.08 10.53 26.73
C ASN A 129 3.58 10.95 25.36
N VAL A 130 2.27 10.87 25.15
CA VAL A 130 1.65 11.14 23.86
C VAL A 130 0.80 12.39 23.99
N THR A 131 1.03 13.36 23.10
CA THR A 131 0.28 14.61 23.10
C THR A 131 -0.48 14.76 21.78
N THR A 132 -1.77 15.05 21.88
CA THR A 132 -2.58 15.29 20.70
C THR A 132 -2.28 16.68 20.13
N GLU A 133 -2.85 16.95 18.96
CA GLU A 133 -2.74 18.29 18.38
C GLU A 133 -3.55 19.32 19.16
N ASN A 134 -4.46 18.88 20.02
CA ASN A 134 -5.23 19.76 20.89
C ASN A 134 -4.68 19.81 22.31
N ASP A 135 -3.40 19.50 22.49
CA ASP A 135 -2.68 19.61 23.76
C ASP A 135 -3.17 18.63 24.82
N GLU A 136 -3.83 17.54 24.42
CA GLU A 136 -4.22 16.48 25.34
C GLU A 136 -3.06 15.50 25.51
N LYS A 137 -2.74 15.17 26.75
CA LYS A 137 -1.59 14.32 27.05
C LYS A 137 -2.05 13.02 27.67
N PHE A 138 -1.51 11.90 27.18
CA PHE A 138 -1.81 10.57 27.70
C PHE A 138 -0.51 9.82 27.93
N THR A 139 -0.54 8.89 28.88
CA THR A 139 0.60 8.03 29.16
C THR A 139 0.23 6.59 28.85
N ALA A 140 1.18 5.85 28.27
CA ALA A 140 0.96 4.44 27.96
C ALA A 140 2.28 3.71 27.95
N ARG A 141 2.26 2.47 28.45
CA ARG A 141 3.46 1.64 28.45
C ARG A 141 3.97 1.39 27.03
N PHE A 142 3.07 1.07 26.11
CA PHE A 142 3.44 0.68 24.77
C PHE A 142 2.79 1.60 23.75
N LEU A 143 3.51 1.88 22.67
CA LEU A 143 3.04 2.71 21.58
C LEU A 143 2.95 1.86 20.32
N ILE A 144 1.75 1.73 19.77
CA ILE A 144 1.52 0.96 18.54
C ILE A 144 1.24 1.96 17.42
N THR A 145 2.12 1.98 16.43
CA THR A 145 2.00 2.91 15.30
C THR A 145 1.51 2.14 14.08
N ALA A 146 0.27 2.40 13.68
CA ALA A 146 -0.34 1.80 12.50
C ALA A 146 -0.63 2.91 11.50
N LEU A 147 0.43 3.49 10.95
CA LEU A 147 0.34 4.74 10.19
C LEU A 147 0.05 4.52 8.70
N GLY A 148 0.20 3.31 8.20
CA GLY A 148 -0.06 3.03 6.80
C GLY A 148 1.14 3.33 5.91
N PRO A 149 1.03 2.99 4.63
CA PRO A 149 2.16 3.17 3.71
C PRO A 149 2.22 4.51 3.00
N LEU A 150 1.21 5.37 3.13
CA LEU A 150 1.13 6.62 2.40
C LEU A 150 1.42 7.78 3.35
N ALA A 151 2.44 8.57 3.02
CA ALA A 151 2.75 9.77 3.79
C ALA A 151 2.03 10.98 3.21
N ALA A 152 2.64 12.16 3.29
CA ALA A 152 2.01 13.36 2.79
C ALA A 152 1.78 13.27 1.28
N PRO A 153 0.68 13.83 0.79
CA PRO A 153 0.46 13.84 -0.66
C PRO A 153 1.53 14.65 -1.36
N ASN A 154 1.97 14.15 -2.52
CA ASN A 154 2.97 14.83 -3.33
C ASN A 154 2.25 15.58 -4.44
N LEU A 155 2.30 16.91 -4.38
CA LEU A 155 1.78 17.77 -5.45
C LEU A 155 2.90 18.17 -6.40
N PRO A 156 2.65 18.23 -7.70
CA PRO A 156 3.71 18.62 -8.63
C PRO A 156 4.11 20.07 -8.41
N LYS A 157 5.42 20.31 -8.38
CA LYS A 157 5.95 21.65 -8.17
C LYS A 157 6.05 22.32 -9.54
N ILE A 158 4.95 22.97 -9.94
CA ILE A 158 4.85 23.63 -11.23
C ILE A 158 4.58 25.11 -11.00
N LYS A 159 5.32 25.95 -11.71
CA LYS A 159 5.13 27.40 -11.61
C LYS A 159 3.69 27.79 -11.91
N GLY A 160 3.10 28.58 -11.02
CA GLY A 160 1.76 29.09 -11.23
C GLY A 160 0.63 28.14 -10.88
N ILE A 161 0.93 27.01 -10.23
CA ILE A 161 -0.15 26.07 -9.92
C ILE A 161 -1.19 26.71 -9.01
N GLU A 162 -0.78 27.68 -8.19
CA GLU A 162 -1.70 28.37 -7.30
C GLU A 162 -2.63 29.33 -8.03
N THR A 163 -2.37 29.64 -9.29
CA THR A 163 -3.21 30.55 -10.05
C THR A 163 -4.38 29.88 -10.74
N PHE A 164 -4.43 28.54 -10.75
CA PHE A 164 -5.53 27.84 -11.40
C PHE A 164 -6.85 28.20 -10.71
N LYS A 165 -7.83 28.60 -11.52
CA LYS A 165 -9.14 28.98 -11.01
C LYS A 165 -10.17 27.86 -11.16
N GLY A 166 -9.88 26.82 -11.91
CA GLY A 166 -10.76 25.69 -12.03
C GLY A 166 -10.61 24.75 -10.84
N GLU A 167 -11.20 23.56 -10.99
CA GLU A 167 -11.15 22.56 -9.93
C GLU A 167 -9.79 21.88 -9.93
N LEU A 168 -9.13 21.85 -8.77
CA LEU A 168 -7.80 21.27 -8.64
C LEU A 168 -7.81 20.36 -7.42
N HIS A 169 -7.56 19.07 -7.65
CA HIS A 169 -7.63 18.09 -6.57
C HIS A 169 -6.50 17.07 -6.69
N HIS A 170 -5.84 16.81 -5.57
CA HIS A 170 -5.03 15.60 -5.44
C HIS A 170 -5.96 14.43 -5.21
N THR A 171 -5.58 13.25 -5.72
CA THR A 171 -6.48 12.11 -5.64
C THR A 171 -6.74 11.70 -4.20
N SER A 172 -5.83 12.01 -3.29
CA SER A 172 -6.01 11.66 -1.88
C SER A 172 -6.95 12.62 -1.16
N ARG A 173 -7.34 13.73 -1.81
CA ARG A 173 -8.27 14.67 -1.22
C ARG A 173 -9.45 14.87 -2.16
N TRP A 174 -10.00 13.76 -2.65
CA TRP A 174 -11.07 13.84 -3.64
C TRP A 174 -12.37 14.25 -2.98
N PRO A 175 -12.98 15.35 -3.38
CA PRO A 175 -14.21 15.80 -2.72
C PRO A 175 -15.42 15.03 -3.21
N LYS A 176 -16.48 15.11 -2.42
CA LYS A 176 -17.76 14.59 -2.86
C LYS A 176 -18.36 15.50 -3.93
N ASP A 177 -19.35 14.96 -4.64
CA ASP A 177 -20.22 15.73 -5.54
C ASP A 177 -19.50 16.26 -6.78
N VAL A 178 -18.34 15.68 -7.14
CA VAL A 178 -17.64 16.13 -8.33
C VAL A 178 -18.39 15.65 -9.57
N THR A 179 -18.65 16.57 -10.49
CA THR A 179 -19.30 16.25 -11.76
C THR A 179 -18.32 16.42 -12.90
N PHE A 180 -18.45 15.56 -13.92
CA PHE A 180 -17.54 15.52 -15.04
C PHE A 180 -18.14 15.96 -16.36
N SER A 181 -19.46 15.88 -16.52
CA SER A 181 -20.07 16.12 -17.82
C SER A 181 -19.78 17.55 -18.30
N GLY A 182 -19.41 17.65 -19.58
CA GLY A 182 -19.18 18.93 -20.21
C GLY A 182 -17.86 19.60 -19.89
N LYS A 183 -16.99 18.96 -19.11
CA LYS A 183 -15.76 19.60 -18.64
C LYS A 183 -14.53 19.08 -19.38
N ARG A 184 -13.58 19.97 -19.60
CA ARG A 184 -12.24 19.59 -20.03
C ARG A 184 -11.42 19.30 -18.79
N VAL A 185 -10.90 18.07 -18.71
CA VAL A 185 -10.22 17.58 -17.51
C VAL A 185 -8.81 17.16 -17.88
N GLY A 186 -7.87 17.39 -16.98
CA GLY A 186 -6.50 16.92 -17.13
C GLY A 186 -6.12 16.05 -15.95
N VAL A 187 -5.31 15.03 -16.22
CA VAL A 187 -4.78 14.16 -15.18
C VAL A 187 -3.27 14.14 -15.30
N ILE A 188 -2.58 14.49 -14.22
CA ILE A 188 -1.12 14.36 -14.14
C ILE A 188 -0.81 13.12 -13.32
N GLY A 189 -0.10 12.17 -13.94
CA GLY A 189 0.26 10.95 -13.23
C GLY A 189 -0.42 9.74 -13.88
N THR A 190 0.39 8.73 -14.14
CA THR A 190 -0.10 7.49 -14.74
C THR A 190 0.41 6.28 -13.95
N GLY A 191 0.52 6.42 -12.65
CA GLY A 191 0.75 5.30 -11.76
C GLY A 191 -0.55 4.57 -11.49
N SER A 192 -0.54 3.74 -10.44
CA SER A 192 -1.70 2.91 -10.13
C SER A 192 -2.95 3.76 -9.95
N THR A 193 -2.83 4.89 -9.23
CA THR A 193 -3.99 5.75 -9.02
C THR A 193 -4.41 6.45 -10.30
N GLY A 194 -3.44 7.00 -11.03
CA GLY A 194 -3.76 7.67 -12.29
C GLY A 194 -4.46 6.75 -13.28
N VAL A 195 -3.99 5.51 -13.37
CA VAL A 195 -4.61 4.56 -14.30
C VAL A 195 -6.07 4.32 -13.92
N GLN A 196 -6.33 4.16 -12.62
CA GLN A 196 -7.70 3.92 -12.17
C GLN A 196 -8.59 5.13 -12.45
N VAL A 197 -8.09 6.34 -12.21
CA VAL A 197 -8.90 7.54 -12.43
C VAL A 197 -9.15 7.75 -13.92
N ILE A 198 -8.11 7.60 -14.74
CA ILE A 198 -8.23 7.84 -16.17
C ILE A 198 -9.25 6.88 -16.78
N THR A 199 -9.14 5.60 -16.44
CA THR A 199 -10.07 4.61 -16.96
C THR A 199 -11.49 4.90 -16.51
N ALA A 200 -11.66 5.41 -15.30
CA ALA A 200 -13.00 5.60 -14.75
C ALA A 200 -13.71 6.82 -15.33
N ILE A 201 -12.99 7.89 -15.66
CA ILE A 201 -13.64 9.16 -15.99
C ILE A 201 -13.58 9.51 -17.47
N ALA A 202 -12.79 8.80 -18.28
CA ALA A 202 -12.62 9.18 -19.69
C ALA A 202 -13.97 9.25 -20.41
N SER A 203 -14.86 8.30 -20.14
CA SER A 203 -16.16 8.31 -20.81
C SER A 203 -17.10 9.37 -20.26
N GLN A 204 -16.73 10.04 -19.16
CA GLN A 204 -17.62 10.95 -18.48
C GLN A 204 -17.33 12.42 -18.77
N VAL A 205 -16.16 12.74 -19.34
CA VAL A 205 -15.74 14.11 -19.52
C VAL A 205 -15.94 14.54 -20.97
N LYS A 206 -15.99 15.87 -21.18
CA LYS A 206 -16.02 16.38 -22.55
C LYS A 206 -14.69 16.09 -23.25
N HIS A 207 -13.58 16.32 -22.56
CA HIS A 207 -12.26 15.99 -23.12
C HIS A 207 -11.32 15.66 -21.96
N LEU A 208 -10.42 14.71 -22.19
CA LEU A 208 -9.45 14.28 -21.19
C LEU A 208 -8.06 14.41 -21.77
N THR A 209 -7.20 15.16 -21.09
CA THR A 209 -5.77 15.21 -21.39
C THR A 209 -5.02 14.47 -20.31
N VAL A 210 -4.20 13.50 -20.71
CA VAL A 210 -3.37 12.75 -19.77
C VAL A 210 -1.95 13.27 -19.90
N PHE A 211 -1.40 13.78 -18.80
CA PHE A 211 -0.04 14.29 -18.76
C PHE A 211 0.84 13.19 -18.18
N GLN A 212 1.53 12.48 -19.07
CA GLN A 212 2.31 11.29 -18.73
C GLN A 212 3.79 11.63 -18.72
N ARG A 213 4.43 11.51 -17.56
CA ARG A 213 5.87 11.69 -17.48
C ARG A 213 6.62 10.38 -17.76
N SER A 214 6.11 9.25 -17.27
CA SER A 214 6.74 7.95 -17.49
C SER A 214 5.67 6.89 -17.71
N ALA A 215 5.65 6.31 -18.90
CA ALA A 215 4.72 5.23 -19.19
C ALA A 215 5.10 3.98 -18.41
N GLN A 216 4.08 3.30 -17.87
CA GLN A 216 4.27 2.07 -17.11
C GLN A 216 3.49 0.94 -17.77
N TYR A 217 3.91 -0.29 -17.48
CA TYR A 217 3.19 -1.47 -17.93
C TYR A 217 1.95 -1.69 -17.06
N SER A 218 0.83 -2.03 -17.71
CA SER A 218 -0.40 -2.36 -17.01
C SER A 218 -1.02 -3.61 -17.64
N VAL A 219 -1.56 -4.47 -16.80
CA VAL A 219 -2.25 -5.68 -17.24
C VAL A 219 -3.70 -5.57 -16.83
N PRO A 220 -4.60 -6.32 -17.48
CA PRO A 220 -6.00 -6.32 -17.04
C PRO A 220 -6.12 -6.86 -15.63
N ILE A 221 -7.05 -6.29 -14.86
CA ILE A 221 -7.34 -6.84 -13.55
C ILE A 221 -8.42 -7.91 -13.62
N GLY A 222 -9.30 -7.83 -14.62
CA GLY A 222 -10.35 -8.83 -14.78
C GLY A 222 -11.41 -8.80 -13.69
N ASN A 223 -11.84 -7.61 -13.30
CA ASN A 223 -12.84 -7.46 -12.26
C ASN A 223 -14.22 -7.83 -12.82
N VAL A 224 -14.80 -8.92 -12.31
CA VAL A 224 -16.09 -9.40 -12.77
C VAL A 224 -16.99 -9.67 -11.56
N VAL A 225 -18.30 -9.72 -11.83
CA VAL A 225 -19.25 -10.06 -10.77
C VAL A 225 -19.05 -11.50 -10.34
N MET A 226 -19.30 -11.77 -9.06
CA MET A 226 -19.10 -13.07 -8.46
C MET A 226 -20.45 -13.76 -8.34
N SER A 227 -20.59 -14.93 -8.96
CA SER A 227 -21.85 -15.65 -8.84
C SER A 227 -21.97 -16.26 -7.45
N GLU A 228 -23.21 -16.62 -7.08
CA GLU A 228 -23.41 -17.29 -5.81
C GLU A 228 -22.61 -18.59 -5.73
N THR A 229 -22.46 -19.27 -6.87
CA THR A 229 -21.62 -20.47 -6.90
C THR A 229 -20.15 -20.12 -6.72
N ASP A 230 -19.67 -19.07 -7.39
CA ASP A 230 -18.32 -18.58 -7.16
C ASP A 230 -18.08 -18.32 -5.68
N VAL A 231 -19.03 -17.66 -5.03
CA VAL A 231 -18.85 -17.28 -3.63
C VAL A 231 -18.89 -18.52 -2.74
N ALA A 232 -19.78 -19.46 -3.06
CA ALA A 232 -19.86 -20.69 -2.27
C ALA A 232 -18.58 -21.51 -2.37
N LYS A 233 -17.97 -21.55 -3.56
CA LYS A 233 -16.71 -22.27 -3.73
C LYS A 233 -15.64 -21.71 -2.80
N ILE A 234 -15.60 -20.39 -2.64
CA ILE A 234 -14.62 -19.77 -1.76
C ILE A 234 -14.95 -20.09 -0.31
N LYS A 235 -16.17 -19.78 0.11
CA LYS A 235 -16.51 -19.84 1.54
C LYS A 235 -16.47 -21.27 2.06
N GLU A 236 -16.79 -22.25 1.22
CA GLU A 236 -16.74 -23.64 1.66
C GLU A 236 -15.32 -24.15 1.78
N ASN A 237 -14.35 -23.44 1.19
CA ASN A 237 -12.95 -23.85 1.20
C ASN A 237 -12.06 -22.78 1.82
N TYR A 238 -12.62 -21.92 2.67
CA TYR A 238 -11.88 -20.77 3.15
C TYR A 238 -10.69 -21.17 4.01
N ASP A 239 -10.81 -22.27 4.77
CA ASP A 239 -9.70 -22.69 5.63
C ASP A 239 -8.46 -23.01 4.81
N GLN A 240 -8.62 -23.79 3.74
CA GLN A 240 -7.47 -24.09 2.88
C GLN A 240 -6.96 -22.84 2.18
N ILE A 241 -7.87 -21.95 1.79
CA ILE A 241 -7.48 -20.73 1.10
C ILE A 241 -6.51 -19.92 1.96
N TRP A 242 -6.83 -19.76 3.25
CA TRP A 242 -5.94 -19.02 4.13
C TRP A 242 -4.67 -19.80 4.44
N GLU A 243 -4.76 -21.12 4.55
CA GLU A 243 -3.55 -21.91 4.72
C GLU A 243 -2.58 -21.69 3.57
N ASN A 244 -3.10 -21.59 2.34
CA ASN A 244 -2.25 -21.31 1.19
C ASN A 244 -1.64 -19.91 1.28
N VAL A 245 -2.37 -18.95 1.83
CA VAL A 245 -1.84 -17.59 1.97
C VAL A 245 -0.62 -17.59 2.89
N TRP A 246 -0.73 -18.25 4.04
CA TRP A 246 0.38 -18.25 4.98
C TRP A 246 1.57 -19.04 4.46
N ASN A 247 1.37 -19.96 3.53
CA ASN A 247 2.45 -20.77 2.96
C ASN A 247 2.95 -20.23 1.63
N SER A 248 2.63 -18.98 1.31
CA SER A 248 2.99 -18.37 0.04
C SER A 248 3.93 -17.19 0.27
N ALA A 249 4.52 -16.70 -0.82
CA ALA A 249 5.38 -15.53 -0.72
C ALA A 249 4.57 -14.24 -0.78
N LEU A 250 3.48 -14.22 -1.56
CA LEU A 250 2.77 -12.98 -1.83
C LEU A 250 1.42 -12.87 -1.13
N GLY A 251 0.82 -13.97 -0.71
CA GLY A 251 -0.46 -13.90 -0.03
C GLY A 251 -1.61 -13.43 -0.89
N TYR A 252 -1.51 -13.57 -2.20
CA TYR A 252 -2.56 -13.17 -3.12
C TYR A 252 -3.34 -14.35 -3.67
N GLY A 253 -3.13 -15.55 -3.12
CA GLY A 253 -3.83 -16.72 -3.60
C GLY A 253 -3.35 -17.23 -4.94
N LEU A 254 -2.14 -16.87 -5.34
CA LEU A 254 -1.59 -17.25 -6.64
C LEU A 254 -0.93 -18.62 -6.57
N ASN A 255 -0.87 -19.27 -7.73
CA ASN A 255 -0.05 -20.46 -7.93
C ASN A 255 1.35 -19.98 -8.30
N GLU A 256 2.12 -19.65 -7.26
CA GLU A 256 3.42 -18.99 -7.46
C GLU A 256 4.39 -19.94 -8.16
N SER A 257 4.83 -19.53 -9.34
CA SER A 257 5.55 -20.41 -10.26
C SER A 257 7.01 -20.51 -9.89
N THR A 258 7.59 -21.69 -10.19
CA THR A 258 9.03 -21.91 -10.16
C THR A 258 9.58 -22.16 -11.56
N LEU A 259 8.76 -22.01 -12.59
CA LEU A 259 9.14 -22.34 -13.96
C LEU A 259 10.00 -21.22 -14.55
N PRO A 260 11.19 -21.53 -15.08
CA PRO A 260 11.98 -20.50 -15.75
C PRO A 260 11.33 -20.09 -17.07
N THR A 261 11.38 -18.78 -17.34
CA THR A 261 10.68 -18.24 -18.50
C THR A 261 11.24 -18.81 -19.80
N MET A 262 12.57 -18.86 -19.92
CA MET A 262 13.21 -19.28 -21.17
C MET A 262 13.25 -20.79 -21.32
N SER A 263 12.76 -21.55 -20.33
CA SER A 263 12.79 -23.01 -20.36
C SER A 263 11.68 -23.62 -21.19
N VAL A 264 10.78 -22.82 -21.75
CA VAL A 264 9.70 -23.30 -22.60
C VAL A 264 9.84 -22.64 -23.97
N SER A 265 9.13 -23.22 -24.94
CA SER A 265 9.14 -22.66 -26.29
C SER A 265 8.47 -21.30 -26.32
N ALA A 266 8.75 -20.55 -27.39
CA ALA A 266 8.06 -19.27 -27.58
C ALA A 266 6.56 -19.47 -27.68
N GLU A 267 6.11 -20.59 -28.25
CA GLU A 267 4.68 -20.86 -28.34
C GLU A 267 4.07 -21.08 -26.97
N GLU A 268 4.69 -21.93 -26.14
CA GLU A 268 4.17 -22.17 -24.81
C GLU A 268 4.24 -20.91 -23.95
N ARG A 269 5.31 -20.13 -24.10
CA ARG A 269 5.47 -18.90 -23.32
C ARG A 269 4.35 -17.92 -23.61
N ASP A 270 3.98 -17.78 -24.89
CA ASP A 270 2.87 -16.90 -25.23
C ASP A 270 1.57 -17.40 -24.62
N LYS A 271 1.37 -18.72 -24.59
CA LYS A 271 0.16 -19.29 -24.01
C LYS A 271 0.08 -19.01 -22.52
N ILE A 272 1.21 -19.08 -21.81
CA ILE A 272 1.22 -18.89 -20.36
C ILE A 272 0.92 -17.43 -20.02
N PHE A 273 1.56 -16.49 -20.73
CA PHE A 273 1.26 -15.08 -20.50
C PHE A 273 -0.20 -14.77 -20.82
N GLU A 274 -0.72 -15.31 -21.92
CA GLU A 274 -2.10 -15.05 -22.31
C GLU A 274 -3.06 -15.58 -21.25
N LYS A 275 -2.74 -16.72 -20.65
CA LYS A 275 -3.58 -17.25 -19.58
C LYS A 275 -3.67 -16.28 -18.41
N ALA A 276 -2.53 -15.72 -18.00
CA ALA A 276 -2.55 -14.75 -16.91
C ALA A 276 -3.21 -13.45 -17.34
N TRP A 277 -2.95 -13.02 -18.59
CA TRP A 277 -3.57 -11.80 -19.10
C TRP A 277 -5.09 -11.90 -19.03
N GLN A 278 -5.65 -13.06 -19.39
CA GLN A 278 -7.10 -13.23 -19.40
C GLN A 278 -7.65 -13.31 -17.97
N GLU A 279 -6.94 -13.99 -17.08
CA GLU A 279 -7.43 -14.13 -15.70
C GLU A 279 -7.28 -12.82 -14.93
N GLY A 280 -6.24 -12.03 -15.21
CA GLY A 280 -6.11 -10.71 -14.65
C GLY A 280 -5.20 -10.67 -13.43
N GLY A 281 -4.66 -9.47 -13.18
CA GLY A 281 -3.84 -9.24 -12.01
C GLY A 281 -2.38 -8.99 -12.32
N GLY A 282 -1.81 -7.96 -11.70
CA GLY A 282 -0.40 -7.64 -11.95
C GLY A 282 0.54 -8.64 -11.29
N PHE A 283 0.26 -9.01 -10.05
CA PHE A 283 1.06 -10.02 -9.38
C PHE A 283 0.92 -11.37 -10.06
N ARG A 284 -0.27 -11.67 -10.58
CA ARG A 284 -0.45 -12.91 -11.33
C ARG A 284 0.46 -12.95 -12.55
N PHE A 285 0.58 -11.81 -13.24
CA PHE A 285 1.36 -11.78 -14.49
C PHE A 285 2.85 -11.96 -14.22
N MET A 286 3.40 -11.35 -13.17
CA MET A 286 4.82 -11.55 -12.91
C MET A 286 5.11 -12.93 -12.33
N PHE A 287 4.29 -13.39 -11.39
CA PHE A 287 4.72 -14.45 -10.49
C PHE A 287 3.95 -15.76 -10.61
N GLU A 288 2.79 -15.77 -11.27
CA GLU A 288 2.10 -17.04 -11.52
C GLU A 288 2.48 -17.64 -12.87
N THR A 289 2.94 -16.80 -13.79
CA THR A 289 3.40 -17.28 -15.10
C THR A 289 4.71 -18.03 -14.99
N PHE A 290 5.75 -17.36 -14.48
CA PHE A 290 7.08 -17.93 -14.39
C PHE A 290 7.70 -17.47 -13.08
N GLY A 291 8.82 -18.11 -12.71
CA GLY A 291 9.44 -17.87 -11.43
C GLY A 291 10.65 -16.97 -11.41
N ASP A 292 11.07 -16.43 -12.57
CA ASP A 292 12.32 -15.66 -12.62
C ASP A 292 12.14 -14.33 -13.34
N ILE A 293 10.91 -13.84 -13.51
CA ILE A 293 10.70 -12.60 -14.24
C ILE A 293 11.31 -11.41 -13.50
N ALA A 294 11.32 -11.45 -12.17
CA ALA A 294 11.92 -10.40 -11.37
C ALA A 294 13.39 -10.63 -11.07
N VAL A 295 14.02 -11.66 -11.67
CA VAL A 295 15.38 -12.01 -11.32
C VAL A 295 16.26 -12.07 -12.57
N ASP A 296 15.72 -12.62 -13.65
CA ASP A 296 16.49 -12.85 -14.88
C ASP A 296 16.17 -11.78 -15.89
N GLU A 297 17.22 -11.12 -16.42
CA GLU A 297 17.01 -10.02 -17.36
C GLU A 297 16.31 -10.50 -18.62
N THR A 298 16.72 -11.65 -19.16
CA THR A 298 16.11 -12.16 -20.37
C THR A 298 14.64 -12.50 -20.15
N ALA A 299 14.32 -13.09 -19.00
CA ALA A 299 12.93 -13.37 -18.66
C ALA A 299 12.13 -12.08 -18.56
N ASN A 300 12.70 -11.06 -17.89
CA ASN A 300 12.01 -9.79 -17.72
C ASN A 300 11.65 -9.16 -19.07
N ILE A 301 12.58 -9.22 -20.02
CA ILE A 301 12.31 -8.63 -21.34
C ILE A 301 11.19 -9.39 -22.05
N GLU A 302 11.13 -10.72 -21.85
CA GLU A 302 10.05 -11.51 -22.44
C GLU A 302 8.70 -11.06 -21.90
N ALA A 303 8.60 -10.79 -20.60
CA ALA A 303 7.36 -10.29 -20.04
C ALA A 303 7.02 -8.91 -20.59
N GLN A 304 8.02 -8.04 -20.71
CA GLN A 304 7.80 -6.71 -21.27
C GLN A 304 7.26 -6.80 -22.69
N ASN A 305 7.90 -7.62 -23.54
CA ASN A 305 7.52 -7.70 -24.94
C ASN A 305 6.09 -8.18 -25.11
N PHE A 306 5.61 -9.06 -24.24
CA PHE A 306 4.23 -9.50 -24.33
C PHE A 306 3.27 -8.34 -24.13
N ILE A 307 3.53 -7.51 -23.10
CA ILE A 307 2.65 -6.38 -22.83
C ILE A 307 2.78 -5.32 -23.92
N LYS A 308 4.01 -5.08 -24.39
CA LYS A 308 4.19 -4.15 -25.50
C LYS A 308 3.39 -4.58 -26.73
N LYS A 309 3.36 -5.90 -27.00
CA LYS A 309 2.55 -6.40 -28.10
C LYS A 309 1.06 -6.15 -27.85
N LYS A 310 0.62 -6.33 -26.60
CA LYS A 310 -0.77 -6.07 -26.26
C LYS A 310 -1.13 -4.60 -26.48
N ILE A 311 -0.24 -3.69 -26.07
CA ILE A 311 -0.50 -2.27 -26.27
C ILE A 311 -0.62 -1.95 -27.75
N SER A 312 0.28 -2.50 -28.57
CA SER A 312 0.24 -2.25 -30.00
C SER A 312 -1.02 -2.80 -30.65
N GLU A 313 -1.61 -3.84 -30.07
CA GLU A 313 -2.84 -4.41 -30.63
C GLU A 313 -4.08 -3.66 -30.16
N ILE A 314 -4.06 -3.16 -28.92
CA ILE A 314 -5.24 -2.52 -28.35
C ILE A 314 -5.43 -1.11 -28.91
N VAL A 315 -4.42 -0.26 -28.82
CA VAL A 315 -4.58 1.12 -29.25
C VAL A 315 -4.23 1.20 -30.74
N LYS A 316 -5.18 1.68 -31.54
CA LYS A 316 -5.10 1.51 -32.98
C LYS A 316 -4.16 2.51 -33.64
N ASP A 317 -4.03 3.70 -33.05
CA ASP A 317 -3.11 4.71 -33.58
C ASP A 317 -1.71 4.31 -33.16
N PRO A 318 -0.84 3.92 -34.09
CA PRO A 318 0.50 3.44 -33.70
C PRO A 318 1.31 4.48 -32.97
N PHE A 319 1.10 5.77 -33.26
CA PHE A 319 1.91 6.80 -32.60
C PHE A 319 1.47 7.01 -31.17
N VAL A 320 0.18 6.86 -30.88
CA VAL A 320 -0.27 6.85 -29.49
C VAL A 320 0.25 5.60 -28.77
N ALA A 321 0.26 4.46 -29.47
CA ALA A 321 0.77 3.22 -28.88
C ALA A 321 2.24 3.37 -28.46
N LYS A 322 3.06 3.98 -29.31
CA LYS A 322 4.46 4.19 -28.96
C LYS A 322 4.59 5.07 -27.73
N LYS A 323 3.79 6.13 -27.65
CA LYS A 323 3.84 7.01 -26.49
C LYS A 323 3.48 6.28 -25.20
N LEU A 324 2.59 5.28 -25.29
CA LEU A 324 2.19 4.52 -24.11
C LEU A 324 3.15 3.40 -23.76
N THR A 325 4.14 3.13 -24.60
CA THR A 325 4.99 1.97 -24.42
C THR A 325 6.18 2.34 -23.55
N PRO A 326 6.40 1.65 -22.42
CA PRO A 326 7.52 2.01 -21.55
C PRO A 326 8.86 1.85 -22.25
N THR A 327 9.81 2.70 -21.86
CA THR A 327 11.11 2.76 -22.51
C THR A 327 12.23 2.11 -21.70
N ASP A 328 12.05 1.95 -20.40
CA ASP A 328 13.11 1.43 -19.55
C ASP A 328 13.51 0.02 -19.98
N LEU A 329 14.77 -0.32 -19.73
CA LEU A 329 15.30 -1.62 -20.14
C LEU A 329 14.63 -2.76 -19.38
N TYR A 330 14.30 -2.55 -18.11
CA TYR A 330 13.72 -3.58 -17.26
C TYR A 330 12.48 -3.02 -16.56
N ALA A 331 11.61 -3.93 -16.13
CA ALA A 331 10.28 -3.58 -15.65
C ALA A 331 10.06 -4.08 -14.23
N CYS A 332 9.51 -3.23 -13.37
CA CYS A 332 9.12 -3.64 -12.03
C CYS A 332 7.68 -4.15 -12.00
N ARG A 333 6.93 -3.73 -10.99
CA ARG A 333 5.55 -4.17 -10.85
C ARG A 333 4.69 -3.63 -11.99
N PRO A 334 3.96 -4.48 -12.71
CA PRO A 334 2.99 -3.96 -13.66
C PRO A 334 1.76 -3.45 -12.93
N LEU A 335 1.22 -2.35 -13.44
CA LEU A 335 -0.04 -1.86 -12.93
C LEU A 335 -1.14 -2.86 -13.30
N CYS A 336 -2.36 -2.61 -12.82
CA CYS A 336 -3.50 -3.35 -13.34
C CYS A 336 -4.67 -2.39 -13.53
N ASP A 337 -5.49 -2.67 -14.54
CA ASP A 337 -6.50 -1.72 -14.99
C ASP A 337 -7.76 -2.45 -15.42
N SER A 338 -8.82 -1.67 -15.57
CA SER A 338 -10.11 -2.15 -16.05
C SER A 338 -10.46 -1.53 -17.40
N GLY A 339 -9.45 -1.34 -18.25
CA GLY A 339 -9.67 -0.84 -19.60
C GLY A 339 -8.89 0.42 -19.93
N TYR A 340 -7.64 0.48 -19.45
CA TYR A 340 -6.85 1.69 -19.55
C TYR A 340 -6.41 1.98 -20.99
N TYR A 341 -5.78 1.00 -21.64
CA TYR A 341 -5.23 1.27 -22.97
C TYR A 341 -6.35 1.55 -23.97
N GLU A 342 -7.51 0.92 -23.80
CA GLU A 342 -8.65 1.19 -24.68
C GLU A 342 -9.09 2.64 -24.62
N ILE A 343 -8.86 3.31 -23.48
CA ILE A 343 -9.26 4.70 -23.31
C ILE A 343 -8.67 5.58 -24.42
N PHE A 344 -7.45 5.26 -24.85
CA PHE A 344 -6.73 6.15 -25.74
C PHE A 344 -7.15 6.01 -27.20
N ASN A 345 -8.10 5.11 -27.49
CA ASN A 345 -8.75 5.08 -28.79
C ASN A 345 -9.90 6.08 -28.89
N ARG A 346 -10.32 6.66 -27.78
CA ARG A 346 -11.47 7.56 -27.77
C ARG A 346 -11.15 8.87 -28.48
N ASP A 347 -12.16 9.43 -29.14
CA ASP A 347 -12.02 10.72 -29.80
C ASP A 347 -11.77 11.87 -28.82
N ASN A 348 -12.15 11.72 -27.55
CA ASN A 348 -12.07 12.81 -26.59
C ASN A 348 -10.89 12.65 -25.62
N VAL A 349 -9.85 11.91 -25.99
CA VAL A 349 -8.71 11.67 -25.11
C VAL A 349 -7.43 12.06 -25.84
N SER A 350 -6.62 12.88 -25.20
CA SER A 350 -5.31 13.27 -25.72
C SER A 350 -4.22 12.86 -24.73
N LEU A 351 -3.15 12.27 -25.25
CA LEU A 351 -2.02 11.85 -24.43
C LEU A 351 -0.84 12.77 -24.69
N GLU A 352 -0.32 13.38 -23.63
CA GLU A 352 0.81 14.30 -23.71
C GLU A 352 2.02 13.66 -23.04
N ASP A 353 3.08 13.44 -23.82
CA ASP A 353 4.35 12.96 -23.27
C ASP A 353 5.04 14.14 -22.62
N VAL A 354 4.95 14.20 -21.28
CA VAL A 354 5.47 15.34 -20.52
C VAL A 354 6.94 15.15 -20.16
N LYS A 355 7.55 14.02 -20.54
CA LYS A 355 9.00 13.94 -20.48
C LYS A 355 9.62 14.65 -21.68
N ALA A 356 9.09 14.40 -22.87
CA ALA A 356 9.57 15.07 -24.07
C ALA A 356 9.04 16.50 -24.17
N ASN A 357 7.86 16.78 -23.61
CA ASN A 357 7.20 18.08 -23.72
C ASN A 357 6.74 18.50 -22.32
N PRO A 358 7.68 18.93 -21.48
CA PRO A 358 7.37 19.12 -20.06
C PRO A 358 6.35 20.21 -19.79
N ILE A 359 5.66 20.07 -18.66
CA ILE A 359 4.82 21.13 -18.15
C ILE A 359 5.72 22.23 -17.60
N VAL A 360 5.57 23.45 -18.11
CA VAL A 360 6.41 24.55 -17.70
C VAL A 360 5.66 25.60 -16.88
N GLU A 361 4.33 25.65 -16.98
CA GLU A 361 3.54 26.65 -16.28
C GLU A 361 2.10 26.21 -16.31
N ILE A 362 1.34 26.63 -15.31
CA ILE A 362 -0.10 26.57 -15.38
C ILE A 362 -0.65 27.95 -14.99
N LYS A 363 -1.73 28.35 -15.66
CA LYS A 363 -2.32 29.66 -15.54
C LYS A 363 -3.76 29.50 -15.04
N GLU A 364 -4.51 30.61 -15.04
CA GLU A 364 -5.84 30.57 -14.44
C GLU A 364 -6.77 29.57 -15.11
N ASP A 365 -6.50 29.21 -16.38
CA ASP A 365 -7.43 28.37 -17.13
C ASP A 365 -6.76 27.25 -17.90
N CYS A 366 -5.47 26.98 -17.66
CA CYS A 366 -4.77 26.07 -18.55
C CYS A 366 -3.50 25.53 -17.91
N VAL A 367 -3.04 24.41 -18.46
CA VAL A 367 -1.71 23.87 -18.23
C VAL A 367 -0.91 24.16 -19.49
N VAL A 368 0.30 24.71 -19.33
CA VAL A 368 1.14 25.13 -20.46
C VAL A 368 2.33 24.19 -20.58
N THR A 369 2.50 23.58 -21.75
CA THR A 369 3.66 22.74 -22.01
C THR A 369 4.79 23.56 -22.63
N ALA A 370 5.97 22.93 -22.68
CA ALA A 370 7.17 23.61 -23.17
C ALA A 370 7.05 24.02 -24.63
N ASP A 371 6.20 23.37 -25.41
CA ASP A 371 5.94 23.79 -26.78
C ASP A 371 5.07 25.04 -26.86
N GLY A 372 4.67 25.61 -25.73
CA GLY A 372 3.84 26.80 -25.71
C GLY A 372 2.35 26.55 -25.80
N VAL A 373 1.93 25.30 -25.97
CA VAL A 373 0.51 24.99 -26.09
C VAL A 373 -0.17 25.18 -24.74
N GLU A 374 -1.30 25.89 -24.76
CA GLU A 374 -2.14 26.06 -23.58
C GLU A 374 -3.23 25.00 -23.61
N HIS A 375 -3.17 24.05 -22.68
CA HIS A 375 -4.19 23.01 -22.54
C HIS A 375 -5.27 23.55 -21.60
N LYS A 376 -6.37 24.01 -22.19
CA LYS A 376 -7.42 24.64 -21.40
C LYS A 376 -8.19 23.58 -20.61
N LEU A 377 -8.33 23.81 -19.31
CA LEU A 377 -8.92 22.82 -18.42
C LEU A 377 -9.93 23.46 -17.46
N ASP A 378 -11.01 22.73 -17.22
CA ASP A 378 -11.95 23.04 -16.15
C ASP A 378 -11.55 22.37 -14.84
N MET A 379 -10.80 21.27 -14.93
CA MET A 379 -10.45 20.49 -13.76
C MET A 379 -9.09 19.86 -13.98
N LEU A 380 -8.25 19.88 -12.96
CA LEU A 380 -6.93 19.28 -13.01
C LEU A 380 -6.80 18.32 -11.84
N ILE A 381 -6.59 17.04 -12.16
CA ILE A 381 -6.49 15.99 -11.16
C ILE A 381 -5.02 15.62 -11.01
N CYS A 382 -4.51 15.69 -9.80
CA CYS A 382 -3.11 15.38 -9.53
C CYS A 382 -3.04 13.99 -8.92
N ALA A 383 -2.76 13.00 -9.76
CA ALA A 383 -2.48 11.62 -9.34
C ALA A 383 -0.98 11.41 -9.18
N THR A 384 -0.35 12.30 -8.41
CA THR A 384 1.10 12.46 -8.43
C THR A 384 1.77 11.80 -7.23
N GLY A 385 1.06 10.98 -6.48
CA GLY A 385 1.70 10.15 -5.48
C GLY A 385 1.88 10.81 -4.14
N PHE A 386 2.75 10.18 -3.34
CA PHE A 386 2.95 10.52 -1.94
C PHE A 386 4.43 10.46 -1.60
N ASP A 387 4.77 10.98 -0.43
CA ASP A 387 6.09 10.78 0.13
C ASP A 387 6.26 9.33 0.57
N ALA A 388 7.51 8.94 0.80
CA ALA A 388 7.80 7.57 1.20
C ALA A 388 7.18 7.25 2.55
N VAL A 389 7.13 5.95 2.89
CA VAL A 389 6.34 5.49 4.03
C VAL A 389 6.86 6.09 5.33
N ASP A 390 8.18 6.25 5.47
CA ASP A 390 8.71 6.79 6.70
C ASP A 390 8.28 8.24 6.94
N GLY A 391 7.72 8.91 5.93
CA GLY A 391 7.27 10.27 6.12
C GLY A 391 6.14 10.41 7.12
N SER A 392 5.30 9.38 7.25
CA SER A 392 4.24 9.42 8.26
C SER A 392 4.81 9.37 9.66
N TYR A 393 5.95 8.71 9.84
CA TYR A 393 6.63 8.69 11.13
C TYR A 393 7.37 10.01 11.36
N LYS A 394 8.10 10.48 10.35
CA LYS A 394 8.80 11.76 10.47
C LYS A 394 7.84 12.91 10.72
N ARG A 395 6.58 12.77 10.30
CA ARG A 395 5.61 13.84 10.50
C ARG A 395 5.19 13.97 11.96
N ILE A 396 5.45 12.96 12.78
CA ILE A 396 5.14 13.00 14.21
C ILE A 396 6.41 13.29 14.97
N ASP A 397 6.30 14.10 16.03
CA ASP A 397 7.44 14.41 16.89
C ASP A 397 7.64 13.23 17.86
N ILE A 398 8.22 12.17 17.34
CA ILE A 398 8.51 10.97 18.11
C ILE A 398 9.95 11.03 18.61
N ARG A 399 10.13 11.01 19.92
CA ARG A 399 11.45 11.07 20.54
C ARG A 399 11.61 9.89 21.49
N GLY A 400 12.68 9.12 21.31
CA GLY A 400 12.92 7.94 22.12
C GLY A 400 13.97 8.17 23.20
N LYS A 401 14.92 7.25 23.32
CA LYS A 401 16.01 7.41 24.28
C LYS A 401 16.77 8.69 23.99
N ASP A 402 17.41 9.24 25.02
CA ASP A 402 18.25 10.43 24.92
C ASP A 402 17.63 11.57 24.12
N GLY A 403 16.34 11.46 23.81
CA GLY A 403 15.63 12.49 23.09
C GLY A 403 15.82 12.54 21.60
N ILE A 404 16.55 11.60 20.99
CA ILE A 404 16.68 11.63 19.54
C ILE A 404 15.32 11.39 18.89
N SER A 405 15.03 12.16 17.85
CA SER A 405 13.77 12.07 17.14
C SER A 405 13.87 11.10 15.98
N ILE A 406 12.73 10.52 15.60
CA ILE A 406 12.70 9.63 14.44
C ILE A 406 13.09 10.39 13.17
N LYS A 407 12.84 11.70 13.14
CA LYS A 407 13.27 12.50 12.00
C LYS A 407 14.78 12.44 11.82
N ASP A 408 15.52 12.55 12.92
CA ASP A 408 16.98 12.49 12.85
C ASP A 408 17.47 11.05 12.78
N HIS A 409 16.83 10.13 13.51
CA HIS A 409 17.29 8.75 13.50
C HIS A 409 17.15 8.12 12.12
N TRP A 410 16.17 8.56 11.33
CA TRP A 410 15.96 8.08 9.97
C TRP A 410 16.28 9.14 8.92
N LYS A 411 17.31 9.97 9.17
CA LYS A 411 17.63 11.02 8.20
C LYS A 411 18.01 10.45 6.84
N ASP A 412 18.62 9.26 6.82
CA ASP A 412 19.03 8.60 5.59
C ASP A 412 18.09 7.48 5.19
N GLY A 413 16.84 7.50 5.67
CA GLY A 413 15.89 6.47 5.34
C GLY A 413 15.59 5.58 6.53
N PRO A 414 14.53 4.77 6.41
CA PRO A 414 14.12 3.93 7.54
C PRO A 414 14.94 2.66 7.66
N ASN A 415 15.22 2.28 8.91
CA ASN A 415 15.84 1.01 9.23
C ASN A 415 15.25 0.51 10.54
N SER A 416 15.05 -0.80 10.64
CA SER A 416 14.30 -1.36 11.76
C SER A 416 14.66 -2.83 11.92
N TYR A 417 14.10 -3.44 12.96
CA TYR A 417 14.25 -4.86 13.24
C TYR A 417 12.93 -5.55 12.90
N LEU A 418 12.97 -6.45 11.92
CA LEU A 418 11.82 -7.22 11.46
C LEU A 418 10.69 -6.34 10.94
N GLY A 419 10.96 -5.05 10.69
CA GLY A 419 9.92 -4.14 10.25
C GLY A 419 8.98 -3.66 11.32
N MET A 420 9.23 -3.97 12.59
CA MET A 420 8.32 -3.60 13.67
C MET A 420 8.94 -2.86 14.84
N MET A 421 10.25 -2.90 15.04
CA MET A 421 10.87 -2.17 16.14
C MET A 421 12.02 -1.31 15.62
N VAL A 422 12.19 -0.16 16.26
CA VAL A 422 13.21 0.81 15.88
C VAL A 422 14.17 0.98 17.05
N SER A 423 15.46 0.83 16.77
CA SER A 423 16.46 1.02 17.82
C SER A 423 16.40 2.46 18.32
N ASN A 424 16.59 2.62 19.63
CA ASN A 424 16.49 3.87 20.41
C ASN A 424 15.05 4.27 20.67
N PHE A 425 14.07 3.43 20.31
CA PHE A 425 12.65 3.75 20.51
C PHE A 425 11.99 2.58 21.22
N PRO A 426 12.16 2.48 22.53
CA PRO A 426 11.65 1.31 23.27
C PRO A 426 10.14 1.35 23.41
N ASN A 427 9.55 0.16 23.53
CA ASN A 427 8.12 -0.03 23.75
C ASN A 427 7.28 0.54 22.61
N MET A 428 7.89 0.80 21.46
CA MET A 428 7.18 1.22 20.26
C MET A 428 7.20 0.09 19.24
N PHE A 429 6.03 -0.25 18.70
CA PHE A 429 5.89 -1.33 17.74
C PHE A 429 5.13 -0.83 16.52
N MET A 430 5.70 -1.03 15.34
CA MET A 430 5.11 -0.58 14.09
C MET A 430 4.29 -1.69 13.46
N VAL A 431 3.13 -1.33 12.94
CA VAL A 431 2.29 -2.22 12.15
C VAL A 431 2.30 -1.73 10.71
N PHE A 432 2.63 -2.62 9.79
CA PHE A 432 2.80 -2.26 8.37
C PHE A 432 3.80 -1.12 8.21
N GLY A 433 4.89 -1.20 8.96
CA GLY A 433 5.93 -0.20 8.89
C GLY A 433 6.94 -0.51 7.80
N PRO A 434 7.96 0.33 7.68
CA PRO A 434 9.00 0.11 6.66
C PRO A 434 9.80 -1.14 6.98
N ASN A 435 10.60 -1.55 5.98
CA ASN A 435 11.46 -2.73 6.08
C ASN A 435 10.64 -4.00 6.34
N GLY A 436 9.41 -4.02 5.84
CA GLY A 436 8.55 -5.17 5.97
C GLY A 436 8.47 -5.95 4.67
N PRO A 437 7.65 -6.99 4.65
CA PRO A 437 7.58 -7.86 3.47
C PRO A 437 6.79 -7.22 2.32
N LEU A 438 7.04 -7.76 1.13
CA LEU A 438 6.32 -7.38 -0.08
C LEU A 438 5.26 -8.46 -0.33
N ALA A 439 4.03 -8.20 0.11
CA ALA A 439 2.95 -9.17 0.00
C ALA A 439 1.62 -8.45 0.18
N ASN A 440 0.53 -9.21 0.06
CA ASN A 440 -0.80 -8.70 0.36
C ASN A 440 -0.83 -8.16 1.78
N SER A 441 -1.35 -6.94 1.95
CA SER A 441 -1.15 -6.24 3.22
C SER A 441 -1.97 -6.79 4.39
N PRO A 442 -3.22 -7.21 4.23
CA PRO A 442 -3.97 -7.73 5.39
C PRO A 442 -3.28 -8.93 6.03
N PRO A 443 -2.74 -9.89 5.25
CA PRO A 443 -1.94 -10.94 5.89
C PRO A 443 -0.69 -10.43 6.58
N ILE A 444 -0.02 -9.43 6.03
CA ILE A 444 1.14 -8.85 6.70
C ILE A 444 0.72 -8.24 8.03
N ILE A 445 -0.35 -7.45 8.01
CA ILE A 445 -0.80 -6.75 9.22
C ILE A 445 -1.22 -7.75 10.30
N GLU A 446 -1.92 -8.82 9.91
CA GLU A 446 -2.32 -9.83 10.88
C GLU A 446 -1.11 -10.51 11.50
N THR A 447 -0.11 -10.82 10.69
CA THR A 447 1.11 -11.43 11.20
C THR A 447 1.79 -10.54 12.22
N GLN A 448 1.92 -9.25 11.90
CA GLN A 448 2.66 -8.34 12.76
C GLN A 448 1.91 -8.06 14.05
N VAL A 449 0.59 -7.86 13.96
CA VAL A 449 -0.21 -7.61 15.15
C VAL A 449 -0.16 -8.80 16.10
N ARG A 450 -0.27 -10.01 15.57
CA ARG A 450 -0.21 -11.18 16.44
C ARG A 450 1.16 -11.33 17.07
N TRP A 451 2.23 -11.04 16.32
CA TRP A 451 3.58 -11.13 16.87
C TRP A 451 3.79 -10.09 17.96
N ILE A 452 3.38 -8.85 17.71
CA ILE A 452 3.53 -7.79 18.70
C ILE A 452 2.73 -8.11 19.95
N ALA A 453 1.48 -8.56 19.78
CA ALA A 453 0.63 -8.87 20.92
C ALA A 453 1.21 -10.00 21.75
N ASP A 454 1.77 -11.02 21.10
CA ASP A 454 2.41 -12.11 21.82
C ASP A 454 3.59 -11.62 22.63
N LEU A 455 4.37 -10.67 22.08
CA LEU A 455 5.50 -10.10 22.80
C LEU A 455 5.04 -9.26 23.98
N ILE A 456 3.99 -8.46 23.80
CA ILE A 456 3.46 -7.68 24.92
C ILE A 456 2.94 -8.60 26.00
N GLY A 457 2.22 -9.66 25.62
CA GLY A 457 1.78 -10.63 26.61
C GLY A 457 2.93 -11.31 27.31
N TYR A 458 3.98 -11.66 26.55
CA TYR A 458 5.18 -12.22 27.16
C TYR A 458 5.82 -11.22 28.12
N ALA A 459 5.61 -9.92 27.90
CA ALA A 459 6.15 -8.91 28.79
C ALA A 459 5.42 -8.87 30.12
N GLU A 460 4.08 -8.87 30.07
CA GLU A 460 3.30 -8.88 31.30
C GLU A 460 3.52 -10.16 32.11
N ASP A 461 3.69 -11.29 31.42
CA ASP A 461 3.90 -12.55 32.12
C ASP A 461 5.21 -12.57 32.90
N HIS A 462 6.22 -11.84 32.42
CA HIS A 462 7.55 -11.86 33.02
C HIS A 462 7.92 -10.51 33.64
N GLN A 463 6.94 -9.64 33.86
CA GLN A 463 7.12 -8.37 34.57
C GLN A 463 8.27 -7.55 33.98
N ILE A 464 8.37 -7.52 32.66
CA ILE A 464 9.34 -6.67 31.97
C ILE A 464 8.59 -5.47 31.41
N ASN A 465 9.20 -4.29 31.52
CA ASN A 465 8.50 -3.05 31.17
C ASN A 465 9.24 -2.22 30.13
N GLN A 466 10.31 -2.74 29.54
CA GLN A 466 10.99 -2.04 28.45
C GLN A 466 11.50 -3.05 27.43
N ILE A 467 11.10 -2.86 26.18
CA ILE A 467 11.53 -3.70 25.06
C ILE A 467 12.16 -2.81 24.00
N GLU A 468 13.38 -3.14 23.61
CA GLU A 468 14.08 -2.37 22.59
C GLU A 468 14.94 -3.30 21.75
N ALA A 469 14.91 -3.11 20.44
CA ALA A 469 15.80 -3.86 19.57
C ALA A 469 17.17 -3.21 19.54
N THR A 470 18.21 -4.05 19.45
CA THR A 470 19.58 -3.55 19.48
C THR A 470 19.97 -2.96 18.13
N LYS A 471 21.00 -2.12 18.16
CA LYS A 471 21.57 -1.59 16.93
C LYS A 471 22.06 -2.71 16.02
N ASP A 472 22.63 -3.76 16.62
CA ASP A 472 23.14 -4.87 15.81
C ASP A 472 22.01 -5.64 15.15
N ALA A 473 20.87 -5.80 15.85
CA ALA A 473 19.74 -6.50 15.26
C ALA A 473 19.16 -5.72 14.08
N VAL A 474 19.10 -4.40 14.20
CA VAL A 474 18.62 -3.58 13.08
C VAL A 474 19.53 -3.76 11.87
N ASP A 475 20.84 -3.60 12.07
CA ASP A 475 21.78 -3.76 10.96
C ASP A 475 21.77 -5.18 10.43
N ASN A 476 21.49 -6.16 11.29
CA ASN A 476 21.27 -7.53 10.82
C ASN A 476 20.11 -7.57 9.85
N TRP A 477 18.95 -7.04 10.26
CA TRP A 477 17.77 -7.04 9.39
C TRP A 477 18.03 -6.28 8.10
N THR A 478 18.70 -5.14 8.19
CA THR A 478 19.06 -4.40 6.98
C THR A 478 19.89 -5.26 6.03
N ASN A 479 20.77 -6.10 6.59
CA ASN A 479 21.66 -6.92 5.76
C ASN A 479 20.89 -8.00 5.02
N THR A 480 20.00 -8.72 5.69
CA THR A 480 19.25 -9.76 4.99
C THR A 480 18.27 -9.16 3.99
N CYS A 481 17.76 -7.95 4.25
CA CYS A 481 16.92 -7.28 3.24
C CYS A 481 17.74 -6.89 2.02
N SER A 482 18.93 -6.32 2.23
CA SER A 482 19.77 -5.92 1.11
C SER A 482 20.27 -7.13 0.32
N ASP A 483 20.60 -8.22 1.03
CA ASP A 483 21.05 -9.44 0.36
C ASP A 483 19.98 -9.99 -0.57
N ILE A 484 18.74 -10.11 -0.07
CA ILE A 484 17.65 -10.62 -0.88
C ILE A 484 17.35 -9.66 -2.02
N ALA A 485 17.32 -8.36 -1.74
CA ALA A 485 16.95 -7.38 -2.76
C ALA A 485 17.94 -7.33 -3.91
N ASN A 486 19.23 -7.59 -3.63
CA ASN A 486 20.25 -7.49 -4.67
C ASN A 486 20.30 -8.70 -5.59
N LYS A 487 19.63 -9.79 -5.24
CA LYS A 487 19.47 -10.90 -6.17
C LYS A 487 18.35 -10.65 -7.19
N THR A 488 17.75 -9.47 -7.18
CA THR A 488 16.50 -9.22 -7.88
C THR A 488 16.61 -7.93 -8.69
N LEU A 489 15.94 -7.92 -9.85
CA LEU A 489 15.96 -6.77 -10.74
C LEU A 489 15.30 -5.53 -10.15
N PHE A 490 14.59 -5.65 -9.03
CA PHE A 490 13.98 -4.48 -8.39
C PHE A 490 15.01 -3.43 -7.98
N ALA A 491 16.30 -3.78 -7.96
CA ALA A 491 17.35 -2.80 -7.70
C ALA A 491 17.86 -2.14 -8.98
N LYS A 492 17.79 -2.83 -10.11
CA LYS A 492 18.26 -2.28 -11.39
C LYS A 492 17.24 -1.37 -12.05
N ALA A 493 16.03 -1.27 -11.51
CA ALA A 493 14.99 -0.44 -12.11
C ALA A 493 14.57 0.70 -11.20
N LYS A 494 13.32 1.14 -11.31
CA LYS A 494 12.83 2.27 -10.53
C LYS A 494 12.83 1.95 -9.04
N VAL A 509 11.08 3.12 2.39
CA VAL A 509 11.84 3.10 1.14
C VAL A 509 12.52 1.75 0.99
N TYR A 510 12.20 0.84 1.91
CA TYR A 510 12.94 -0.42 2.02
C TYR A 510 11.96 -1.55 2.31
N LEU A 511 12.18 -2.69 1.66
CA LEU A 511 11.29 -3.84 1.79
C LEU A 511 12.08 -5.11 2.01
N TYR A 512 11.46 -6.04 2.74
CA TYR A 512 11.94 -7.42 2.82
C TYR A 512 11.30 -8.21 1.70
N MET A 513 12.12 -8.74 0.79
CA MET A 513 11.62 -9.39 -0.42
C MET A 513 11.70 -10.91 -0.35
N GLY A 514 11.77 -11.47 0.85
CA GLY A 514 11.79 -12.92 1.00
C GLY A 514 10.43 -13.59 0.95
N GLY A 515 9.36 -12.81 0.99
CA GLY A 515 8.02 -13.35 0.96
C GLY A 515 7.38 -13.45 2.34
N LEU A 516 6.06 -13.62 2.35
CA LEU A 516 5.31 -13.70 3.59
C LEU A 516 5.70 -14.95 4.40
N LYS A 517 5.81 -16.09 3.72
CA LYS A 517 6.16 -17.33 4.41
C LYS A 517 7.51 -17.20 5.10
N GLU A 518 8.53 -16.73 4.37
CA GLU A 518 9.85 -16.62 4.95
C GLU A 518 9.92 -15.50 5.98
N TYR A 519 9.17 -14.41 5.78
CA TYR A 519 9.05 -13.38 6.81
C TYR A 519 8.50 -13.97 8.10
N ARG A 520 7.48 -14.81 8.00
CA ARG A 520 6.90 -15.42 9.19
C ARG A 520 7.88 -16.38 9.84
N ASN A 521 8.72 -17.04 9.05
CA ASN A 521 9.78 -17.86 9.62
C ASN A 521 10.79 -17.03 10.40
N GLN A 522 11.16 -15.86 9.85
CA GLN A 522 12.15 -15.02 10.49
C GLN A 522 11.69 -14.56 11.87
N ILE A 523 10.49 -13.97 11.95
CA ILE A 523 10.03 -13.46 13.23
C ILE A 523 9.68 -14.59 14.18
N SER A 524 9.33 -15.77 13.65
CA SER A 524 9.10 -16.92 14.51
C SER A 524 10.39 -17.37 15.18
N GLU A 525 11.50 -17.37 14.43
CA GLU A 525 12.80 -17.72 15.00
C GLU A 525 13.17 -16.77 16.14
N VAL A 526 12.79 -15.50 16.03
CA VAL A 526 13.10 -14.52 17.08
C VAL A 526 12.29 -14.81 18.33
N SER A 527 10.97 -14.92 18.19
CA SER A 527 10.12 -15.16 19.35
C SER A 527 10.39 -16.52 19.97
N ASN A 528 10.83 -17.50 19.17
CA ASN A 528 11.16 -18.81 19.70
C ASN A 528 12.48 -18.83 20.46
N ASN A 529 13.36 -17.86 20.21
CA ASN A 529 14.66 -17.84 20.85
C ASN A 529 14.77 -16.66 21.83
N ASN A 530 13.79 -16.54 22.73
CA ASN A 530 13.80 -15.54 23.79
C ASN A 530 13.92 -14.13 23.23
N TYR A 531 13.32 -13.90 22.06
CA TYR A 531 13.33 -12.59 21.40
C TYR A 531 14.76 -12.11 21.18
N LYS A 532 15.55 -12.97 20.53
CA LYS A 532 16.93 -12.67 20.17
C LYS A 532 17.03 -11.35 19.42
N GLY A 533 17.88 -10.46 19.93
CA GLY A 533 18.04 -9.14 19.36
C GLY A 533 17.28 -8.04 20.07
N CYS A 534 16.47 -8.38 21.06
CA CYS A 534 15.74 -7.40 21.86
C CYS A 534 16.32 -7.33 23.26
N LEU A 535 16.30 -6.13 23.83
CA LEU A 535 16.64 -5.92 25.23
C LEU A 535 15.37 -5.89 26.06
N LEU A 536 15.33 -6.67 27.13
CA LEU A 536 14.15 -6.81 27.97
C LEU A 536 14.52 -6.42 29.40
N LYS A 537 14.09 -5.23 29.83
CA LYS A 537 14.37 -4.73 31.17
C LYS A 537 13.23 -5.05 32.10
N GLN A 538 13.56 -5.46 33.33
CA GLN A 538 12.57 -5.81 34.34
C GLN A 538 12.53 -4.75 35.43
N SER A 539 11.49 -4.83 36.26
CA SER A 539 11.33 -3.92 37.39
C SER A 539 10.38 -4.51 38.42
PA NDP B . 2.75 6.95 -7.88
O1A NDP B . 3.87 7.71 -7.26
O2A NDP B . 2.73 5.45 -7.88
O5B NDP B . 2.48 7.49 -9.41
C5B NDP B . 2.84 8.85 -9.40
C4B NDP B . 2.59 9.37 -10.82
O4B NDP B . 2.65 10.79 -10.84
C3B NDP B . 3.69 8.80 -11.76
O3B NDP B . 3.16 8.62 -13.04
C2B NDP B . 4.69 9.98 -11.81
O2B NDP B . 5.38 10.03 -12.94
C1B NDP B . 3.66 11.17 -11.77
N9A NDP B . 4.28 12.40 -11.26
C8A NDP B . 4.74 12.65 -9.95
N7A NDP B . 5.24 13.90 -9.79
C5A NDP B . 5.09 14.48 -11.06
C6A NDP B . 5.41 15.75 -11.55
N6A NDP B . 6.00 16.69 -10.74
N1A NDP B . 5.18 16.09 -12.85
C2A NDP B . 4.60 15.11 -13.62
N3A NDP B . 4.23 13.86 -13.30
C4A NDP B . 4.49 13.56 -11.98
O3 NDP B . 1.52 7.47 -6.92
PN NDP B . 0.20 6.58 -7.09
O1N NDP B . -0.86 7.23 -6.28
O2N NDP B . -0.06 6.01 -8.47
O5D NDP B . 0.45 5.13 -6.18
C5D NDP B . 0.91 5.53 -4.94
C4D NDP B . 1.33 4.31 -4.15
O4D NDP B . 0.18 3.65 -3.59
C3D NDP B . 2.05 3.31 -5.09
O3D NDP B . 3.18 2.82 -4.43
C2D NDP B . 1.02 2.19 -5.34
O2D NDP B . 1.57 0.91 -5.26
C1D NDP B . 0.02 2.36 -4.15
N1N NDP B . -1.35 2.25 -4.67
C2N NDP B . -1.93 1.03 -4.79
C3N NDP B . -3.12 0.86 -5.42
C7N NDP B . -3.62 -0.47 -5.48
O7N NDP B . -3.20 -1.39 -4.77
N7N NDP B . -4.65 -0.72 -6.39
C4N NDP B . -3.87 2.01 -6.03
C5N NDP B . -3.25 3.31 -5.67
C6N NDP B . -2.09 3.40 -5.04
P2B NDP B . 7.07 9.36 -12.75
O1X NDP B . 6.71 7.90 -12.80
O2X NDP B . 7.53 9.92 -11.40
O3X NDP B . 7.68 9.96 -13.99
PA FAD C . -3.96 3.09 6.70
O1A FAD C . -5.18 2.48 6.12
O2A FAD C . -3.23 4.09 5.78
O5B FAD C . -4.29 3.79 8.08
C5B FAD C . -3.44 4.84 8.60
C4B FAD C . -4.28 5.74 9.49
O4B FAD C . -3.43 6.39 10.46
C3B FAD C . -5.05 6.85 8.75
O3B FAD C . -6.42 6.84 9.08
C2B FAD C . -4.37 8.13 9.23
O2B FAD C . -5.28 9.22 9.32
C1B FAD C . -3.89 7.72 10.62
N9A FAD C . -2.79 8.54 11.15
C8A FAD C . -1.54 8.66 10.64
N7A FAD C . -0.76 9.48 11.32
C5A FAD C . -1.58 9.92 12.34
C6A FAD C . -1.36 10.81 13.41
N6A FAD C . -0.21 11.44 13.64
N1A FAD C . -2.39 11.04 14.27
C2A FAD C . -3.55 10.41 14.05
N3A FAD C . -3.87 9.56 13.08
C4A FAD C . -2.84 9.36 12.25
N1 FAD C . -2.39 -3.07 -0.30
C2 FAD C . -2.30 -4.41 -0.54
O2 FAD C . -1.52 -5.13 0.09
N3 FAD C . -3.10 -4.99 -1.50
C4 FAD C . -4.02 -4.34 -2.29
O4 FAD C . -4.68 -4.97 -3.11
C4X FAD C . -4.11 -2.92 -2.04
N5 FAD C . -4.96 -2.23 -2.73
C5X FAD C . -5.05 -0.86 -2.49
C6 FAD C . -5.94 -0.11 -3.24
C7 FAD C . -6.08 1.26 -3.04
C7M FAD C . -7.07 2.04 -3.88
C8 FAD C . -5.28 1.90 -2.07
C8M FAD C . -5.40 3.38 -1.83
C9 FAD C . -4.38 1.15 -1.33
C9A FAD C . -4.25 -0.22 -1.53
N10 FAD C . -3.35 -1.01 -0.78
C10 FAD C . -3.25 -2.37 -1.02
C1' FAD C . -2.49 -0.41 0.25
C2' FAD C . -3.25 -0.05 1.53
O2' FAD C . -2.73 1.15 2.10
C3' FAD C . -3.12 -1.19 2.54
O3' FAD C . -3.67 -2.37 1.95
C4' FAD C . -3.85 -0.97 3.87
O4' FAD C . -5.08 -0.27 3.63
C5' FAD C . -3.02 -0.26 4.92
O5' FAD C . -3.79 -0.15 6.13
P FAD C . -3.14 0.43 7.46
O1P FAD C . -4.16 0.37 8.60
O2P FAD C . -1.85 -0.24 7.70
O3P FAD C . -2.90 1.97 7.09
#